data_6ZZ9
#
_entry.id   6ZZ9
#
_cell.length_a   60.61
_cell.length_b   60.61
_cell.length_c   190.47
_cell.angle_alpha   90
_cell.angle_beta   90
_cell.angle_gamma   90
#
_symmetry.space_group_name_H-M   'P 43 21 2'
#
loop_
_entity.id
_entity.type
_entity.pdbx_description
1 polymer 'CBS domain-containing protein'
2 non-polymer 'SULFATE ION'
3 non-polymer 'PLATINUM (II) ION'
#
_entity_poly.entity_id   1
_entity_poly.type   'polypeptide(L)'
_entity_poly.pdbx_seq_one_letter_code
;MGSSHHHHHHSSGLVPRGSQIAKEFESFLLSHLDHYLIPAEDVAIFVDTHNADHVMLLLASNGFSRVPVITKEKKYVGTI
SISDIMAYQSKGQLTDWEMAQTDIVEMVNTKIEPINEAATLTAIMHKIVDYPFLPVISDQNDFRGIITRKSILKAINSLL
HDFTDEYTITPKNNDK
;
_entity_poly.pdbx_strand_id   A,B
#
# COMPACT_ATOMS: atom_id res chain seq x y z
N PRO A 16 24.81 -10.15 -17.05
CA PRO A 16 25.05 -10.39 -15.62
C PRO A 16 23.81 -10.16 -14.74
N ARG A 17 23.96 -10.34 -13.42
CA ARG A 17 22.88 -10.10 -12.46
C ARG A 17 22.88 -8.59 -12.07
N GLY A 18 21.71 -8.10 -11.63
CA GLY A 18 21.56 -6.70 -11.23
C GLY A 18 22.31 -6.29 -9.97
N SER A 19 22.18 -5.01 -9.62
CA SER A 19 22.84 -4.47 -8.44
C SER A 19 22.23 -4.96 -7.15
N GLN A 20 23.05 -5.02 -6.12
CA GLN A 20 22.59 -5.37 -4.78
C GLN A 20 22.53 -4.09 -3.95
N ILE A 21 21.74 -4.10 -2.87
CA ILE A 21 21.68 -2.94 -1.99
C ILE A 21 23.01 -2.89 -1.23
N ALA A 22 23.49 -1.68 -0.89
CA ALA A 22 24.76 -1.52 -0.16
C ALA A 22 24.79 -2.35 1.12
N LYS A 23 25.86 -3.11 1.31
CA LYS A 23 26.03 -4.00 2.46
C LYS A 23 25.79 -3.31 3.80
N GLU A 24 26.06 -2.00 3.86
CA GLU A 24 25.89 -1.19 5.06
C GLU A 24 24.41 -0.97 5.36
N PHE A 25 23.61 -0.74 4.31
CA PHE A 25 22.16 -0.57 4.44
C PHE A 25 21.54 -1.92 4.80
N GLU A 26 21.96 -3.02 4.13
CA GLU A 26 21.43 -4.36 4.40
C GLU A 26 21.78 -4.80 5.84
N SER A 27 22.96 -4.44 6.32
CA SER A 27 23.39 -4.75 7.67
C SER A 27 22.53 -4.00 8.71
N PHE A 28 22.28 -2.71 8.48
CA PHE A 28 21.49 -1.88 9.39
C PHE A 28 20.05 -2.35 9.48
N LEU A 29 19.42 -2.61 8.33
CA LEU A 29 18.04 -3.06 8.28
C LEU A 29 17.86 -4.45 8.89
N LEU A 30 18.86 -5.34 8.75
CA LEU A 30 18.77 -6.68 9.36
C LEU A 30 18.83 -6.64 10.90
N SER A 31 19.20 -5.49 11.50
CA SER A 31 19.15 -5.26 12.93
C SER A 31 17.71 -4.82 13.39
N HIS A 32 16.77 -4.60 12.42
CA HIS A 32 15.37 -4.21 12.61
C HIS A 32 14.45 -5.20 11.85
N LEU A 33 14.81 -6.49 11.85
CA LEU A 33 14.04 -7.54 11.17
C LEU A 33 12.60 -7.59 11.74
N ASP A 34 12.50 -7.46 13.07
CA ASP A 34 11.28 -7.42 13.85
C ASP A 34 10.24 -6.46 13.26
N HIS A 35 10.69 -5.41 12.56
CA HIS A 35 9.80 -4.40 12.03
C HIS A 35 9.05 -4.80 10.76
N TYR A 36 9.74 -5.31 9.73
CA TYR A 36 9.08 -5.58 8.47
C TYR A 36 8.36 -6.92 8.39
N LEU A 37 8.83 -7.95 9.13
CA LEU A 37 8.14 -9.23 9.13
C LEU A 37 7.03 -9.16 10.16
N ILE A 38 5.79 -9.44 9.73
CA ILE A 38 4.63 -9.47 10.60
C ILE A 38 4.27 -10.94 10.73
N PRO A 39 4.29 -11.48 11.96
CA PRO A 39 4.01 -12.91 12.14
C PRO A 39 2.59 -13.35 11.76
N ALA A 40 2.43 -14.65 11.48
CA ALA A 40 1.16 -15.26 11.07
C ALA A 40 0.05 -15.08 12.09
N GLU A 41 0.40 -14.95 13.37
CA GLU A 41 -0.61 -14.76 14.42
C GLU A 41 -1.17 -13.34 14.45
N ASP A 42 -0.44 -12.35 13.91
CA ASP A 42 -0.91 -10.98 13.86
C ASP A 42 -1.58 -10.61 12.50
N VAL A 43 -1.65 -11.55 11.56
CA VAL A 43 -2.22 -11.29 10.24
C VAL A 43 -3.63 -11.89 10.08
N ALA A 44 -4.58 -11.06 9.65
CA ALA A 44 -5.94 -11.50 9.39
C ALA A 44 -5.94 -12.39 8.14
N ILE A 45 -6.62 -13.54 8.20
CA ILE A 45 -6.63 -14.51 7.10
C ILE A 45 -8.04 -15.10 6.87
N PHE A 46 -8.22 -15.79 5.73
CA PHE A 46 -9.41 -16.54 5.40
C PHE A 46 -9.00 -17.99 5.14
N VAL A 47 -9.89 -18.94 5.43
CA VAL A 47 -9.62 -20.35 5.13
C VAL A 47 -10.16 -20.72 3.77
N ASP A 48 -9.49 -21.62 3.06
CA ASP A 48 -9.88 -22.01 1.72
C ASP A 48 -11.34 -22.51 1.62
N THR A 49 -11.82 -23.11 2.71
CA THR A 49 -13.17 -23.66 2.82
C THR A 49 -14.23 -22.59 3.13
N HIS A 50 -13.83 -21.33 3.38
CA HIS A 50 -14.77 -20.27 3.69
C HIS A 50 -15.64 -19.89 2.51
N ASN A 51 -16.84 -19.43 2.85
CA ASN A 51 -17.89 -19.04 1.93
C ASN A 51 -17.57 -17.77 1.15
N ALA A 52 -17.80 -17.81 -0.19
CA ALA A 52 -17.56 -16.70 -1.10
C ALA A 52 -18.31 -15.42 -0.71
N ASP A 53 -19.61 -15.53 -0.42
CA ASP A 53 -20.48 -14.44 -0.01
C ASP A 53 -20.05 -13.89 1.35
N HIS A 54 -19.76 -14.76 2.31
CA HIS A 54 -19.35 -14.36 3.65
C HIS A 54 -18.03 -13.62 3.64
N VAL A 55 -17.03 -14.09 2.89
CA VAL A 55 -15.76 -13.37 2.85
C VAL A 55 -15.90 -12.06 2.05
N MET A 56 -16.86 -11.97 1.12
CA MET A 56 -17.11 -10.75 0.36
C MET A 56 -17.69 -9.67 1.29
N LEU A 57 -18.64 -10.06 2.13
CA LEU A 57 -19.23 -9.17 3.12
C LEU A 57 -18.19 -8.71 4.15
N LEU A 58 -17.29 -9.63 4.53
CA LEU A 58 -16.22 -9.35 5.49
C LEU A 58 -15.16 -8.40 4.91
N LEU A 59 -14.75 -8.60 3.66
CA LEU A 59 -13.76 -7.77 2.97
C LEU A 59 -14.26 -6.33 2.76
N ALA A 60 -15.59 -6.17 2.57
CA ALA A 60 -16.18 -4.85 2.41
C ALA A 60 -16.44 -4.15 3.77
N SER A 61 -16.50 -4.91 4.87
CA SER A 61 -16.72 -4.37 6.19
C SER A 61 -15.40 -3.92 6.77
N ASN A 62 -14.38 -4.78 6.70
CA ASN A 62 -13.05 -4.49 7.20
C ASN A 62 -12.30 -3.49 6.35
N GLY A 63 -12.58 -3.50 5.04
CA GLY A 63 -11.97 -2.58 4.09
C GLY A 63 -10.55 -2.95 3.77
N PHE A 64 -10.29 -4.25 3.63
CA PHE A 64 -8.95 -4.75 3.34
C PHE A 64 -8.88 -5.01 1.85
N SER A 65 -7.88 -4.44 1.16
CA SER A 65 -7.71 -4.60 -0.28
C SER A 65 -7.66 -6.09 -0.65
N ARG A 66 -6.70 -6.84 -0.08
CA ARG A 66 -6.68 -8.28 -0.24
C ARG A 66 -6.08 -8.96 0.99
N VAL A 67 -6.52 -10.19 1.25
CA VAL A 67 -6.18 -10.93 2.46
C VAL A 67 -5.62 -12.31 2.13
N PRO A 68 -4.60 -12.80 2.85
CA PRO A 68 -4.06 -14.14 2.55
C PRO A 68 -5.04 -15.26 2.88
N VAL A 69 -5.06 -16.26 2.01
CA VAL A 69 -5.90 -17.44 2.18
C VAL A 69 -4.98 -18.59 2.52
N ILE A 70 -5.29 -19.27 3.60
CA ILE A 70 -4.55 -20.45 4.06
C ILE A 70 -5.51 -21.66 4.25
N THR A 71 -4.95 -22.87 4.49
CA THR A 71 -5.76 -24.07 4.72
C THR A 71 -6.05 -24.30 6.24
N LYS A 72 -6.86 -25.33 6.60
CA LYS A 72 -7.09 -25.64 8.01
C LYS A 72 -5.80 -26.14 8.72
N GLU A 73 -4.77 -26.53 7.95
CA GLU A 73 -3.49 -26.93 8.54
C GLU A 73 -2.42 -25.82 8.37
N LYS A 74 -2.86 -24.54 8.27
CA LYS A 74 -2.03 -23.33 8.19
C LYS A 74 -1.07 -23.27 6.98
N LYS A 75 -1.46 -23.81 5.82
CA LYS A 75 -0.59 -23.78 4.65
C LYS A 75 -1.05 -22.76 3.64
N TYR A 76 -0.12 -21.94 3.10
CA TYR A 76 -0.45 -20.88 2.15
C TYR A 76 -1.14 -21.38 0.87
N VAL A 77 -2.16 -20.65 0.40
CA VAL A 77 -2.92 -21.00 -0.80
C VAL A 77 -2.84 -19.85 -1.85
N GLY A 78 -3.16 -18.63 -1.43
CA GLY A 78 -3.14 -17.46 -2.30
C GLY A 78 -3.70 -16.25 -1.58
N THR A 79 -4.31 -15.33 -2.32
CA THR A 79 -4.92 -14.14 -1.72
C THR A 79 -6.37 -14.00 -2.22
N ILE A 80 -7.19 -13.22 -1.52
CA ILE A 80 -8.57 -12.99 -1.94
C ILE A 80 -8.93 -11.53 -1.79
N SER A 81 -9.66 -11.02 -2.77
CA SER A 81 -10.16 -9.65 -2.78
C SER A 81 -11.60 -9.66 -3.29
N ILE A 82 -12.35 -8.55 -3.11
CA ILE A 82 -13.72 -8.46 -3.61
C ILE A 82 -13.76 -8.66 -5.14
N SER A 83 -12.76 -8.09 -5.85
CA SER A 83 -12.65 -8.20 -7.30
C SER A 83 -12.40 -9.62 -7.78
N ASP A 84 -11.81 -10.49 -6.95
CA ASP A 84 -11.58 -11.89 -7.31
C ASP A 84 -12.91 -12.67 -7.29
N ILE A 85 -13.73 -12.45 -6.24
CA ILE A 85 -15.02 -13.09 -6.03
C ILE A 85 -16.03 -12.61 -7.05
N MET A 86 -16.05 -11.30 -7.30
CA MET A 86 -16.96 -10.72 -8.27
C MET A 86 -16.67 -11.16 -9.70
N ALA A 87 -15.39 -11.35 -10.05
CA ALA A 87 -15.04 -11.82 -11.38
C ALA A 87 -15.49 -13.27 -11.60
N TYR A 88 -15.39 -14.10 -10.55
CA TYR A 88 -15.81 -15.51 -10.59
C TYR A 88 -17.34 -15.60 -10.72
N GLN A 89 -18.08 -14.68 -10.09
CA GLN A 89 -19.53 -14.63 -10.13
C GLN A 89 -20.03 -14.33 -11.56
N SER A 90 -19.34 -13.43 -12.25
CA SER A 90 -19.69 -13.09 -13.63
C SER A 90 -19.34 -14.25 -14.57
N LYS A 91 -18.15 -14.85 -14.37
CA LYS A 91 -17.62 -15.94 -15.21
C LYS A 91 -18.53 -17.16 -15.31
N GLY A 92 -19.20 -17.49 -14.23
CA GLY A 92 -20.09 -18.64 -14.21
C GLY A 92 -21.54 -18.32 -13.89
N GLN A 93 -21.97 -17.05 -14.08
CA GLN A 93 -23.33 -16.55 -13.84
C GLN A 93 -23.97 -17.11 -12.56
N LEU A 94 -23.22 -17.05 -11.47
CA LEU A 94 -23.69 -17.59 -10.20
C LEU A 94 -24.55 -16.60 -9.42
N THR A 95 -25.72 -17.04 -8.96
CA THR A 95 -26.63 -16.19 -8.18
C THR A 95 -26.15 -16.04 -6.72
N ASP A 96 -26.74 -15.11 -5.94
CA ASP A 96 -26.35 -14.91 -4.55
C ASP A 96 -26.52 -16.15 -3.71
N TRP A 97 -27.59 -16.92 -3.95
CA TRP A 97 -27.83 -18.15 -3.20
C TRP A 97 -26.73 -19.17 -3.53
N GLU A 98 -26.31 -19.25 -4.79
CA GLU A 98 -25.24 -20.15 -5.22
C GLU A 98 -23.89 -19.73 -4.64
N MET A 99 -23.65 -18.42 -4.51
CA MET A 99 -22.42 -17.89 -3.91
C MET A 99 -22.36 -18.20 -2.42
N ALA A 100 -23.52 -18.30 -1.74
CA ALA A 100 -23.60 -18.69 -0.34
C ALA A 100 -23.30 -20.21 -0.14
N GLN A 101 -23.06 -20.96 -1.24
CA GLN A 101 -22.74 -22.39 -1.24
C GLN A 101 -21.37 -22.70 -1.90
N THR A 102 -20.60 -21.65 -2.26
CA THR A 102 -19.32 -21.82 -2.94
C THR A 102 -18.13 -21.42 -2.06
N ASP A 103 -17.12 -22.30 -1.97
CA ASP A 103 -15.93 -22.01 -1.19
C ASP A 103 -14.97 -21.12 -2.01
N ILE A 104 -14.09 -20.38 -1.32
CA ILE A 104 -13.17 -19.48 -2.01
C ILE A 104 -12.01 -20.18 -2.70
N VAL A 105 -11.78 -21.51 -2.49
CA VAL A 105 -10.68 -22.24 -3.16
C VAL A 105 -10.68 -22.03 -4.66
N GLU A 106 -11.88 -22.03 -5.24
CA GLU A 106 -12.07 -21.93 -6.67
C GLU A 106 -11.79 -20.55 -7.25
N MET A 107 -11.79 -19.51 -6.41
CA MET A 107 -11.53 -18.15 -6.91
C MET A 107 -10.30 -17.49 -6.27
N VAL A 108 -9.40 -18.29 -5.65
CA VAL A 108 -8.20 -17.80 -4.99
C VAL A 108 -7.17 -17.27 -6.01
N ASN A 109 -6.68 -16.06 -5.75
CA ASN A 109 -5.68 -15.35 -6.54
C ASN A 109 -4.30 -15.90 -6.22
N THR A 110 -3.55 -16.34 -7.21
CA THR A 110 -2.18 -16.84 -6.99
C THR A 110 -1.11 -15.99 -7.69
N LYS A 111 -1.46 -14.77 -8.15
CA LYS A 111 -0.53 -13.86 -8.85
C LYS A 111 0.65 -13.43 -8.01
N ILE A 112 0.43 -13.12 -6.72
CA ILE A 112 1.53 -12.73 -5.84
C ILE A 112 2.29 -13.99 -5.45
N GLU A 113 3.50 -14.17 -6.01
CA GLU A 113 4.30 -15.34 -5.71
C GLU A 113 4.93 -15.19 -4.33
N PRO A 114 4.65 -16.13 -3.42
CA PRO A 114 5.17 -16.00 -2.05
C PRO A 114 6.68 -16.08 -1.99
N ILE A 115 7.28 -15.33 -1.07
CA ILE A 115 8.72 -15.38 -0.89
C ILE A 115 9.09 -16.37 0.21
N ASN A 116 10.32 -16.82 0.22
CA ASN A 116 10.81 -17.75 1.22
C ASN A 116 11.25 -17.01 2.47
N GLU A 117 11.36 -17.72 3.61
CA GLU A 117 11.88 -17.10 4.84
C GLU A 117 13.34 -16.64 4.63
N ALA A 118 14.09 -17.38 3.80
CA ALA A 118 15.50 -17.09 3.52
C ALA A 118 15.73 -16.20 2.30
N ALA A 119 14.79 -15.30 2.01
CA ALA A 119 14.92 -14.40 0.86
C ALA A 119 15.87 -13.26 1.16
N THR A 120 16.57 -12.80 0.12
CA THR A 120 17.51 -11.69 0.24
C THR A 120 16.72 -10.39 0.42
N LEU A 121 17.25 -9.49 1.23
CA LEU A 121 16.63 -8.20 1.48
C LEU A 121 16.56 -7.37 0.20
N THR A 122 17.47 -7.60 -0.75
CA THR A 122 17.51 -6.95 -2.05
C THR A 122 16.29 -7.37 -2.88
N ALA A 123 15.87 -8.66 -2.76
CA ALA A 123 14.72 -9.23 -3.46
C ALA A 123 13.44 -8.75 -2.84
N ILE A 124 13.38 -8.69 -1.50
CA ILE A 124 12.22 -8.19 -0.75
C ILE A 124 11.94 -6.75 -1.17
N MET A 125 12.98 -5.93 -1.30
CA MET A 125 12.83 -4.54 -1.70
C MET A 125 12.38 -4.36 -3.12
N HIS A 126 12.73 -5.29 -4.00
CA HIS A 126 12.31 -5.21 -5.38
C HIS A 126 10.82 -5.64 -5.45
N LYS A 127 10.47 -6.75 -4.79
CA LYS A 127 9.13 -7.29 -4.77
C LYS A 127 8.09 -6.47 -3.98
N ILE A 128 8.48 -5.77 -2.91
CA ILE A 128 7.53 -4.95 -2.15
C ILE A 128 7.03 -3.73 -2.95
N VAL A 129 7.77 -3.30 -3.97
CA VAL A 129 7.35 -2.23 -4.86
C VAL A 129 6.18 -2.74 -5.72
N ASP A 130 6.31 -3.96 -6.25
CA ASP A 130 5.31 -4.59 -7.10
C ASP A 130 4.02 -4.98 -6.39
N TYR A 131 4.11 -5.45 -5.13
CA TYR A 131 2.93 -5.96 -4.44
C TYR A 131 2.73 -5.27 -3.09
N PRO A 132 1.47 -5.04 -2.66
CA PRO A 132 1.25 -4.39 -1.34
C PRO A 132 1.78 -5.19 -0.16
N PHE A 133 1.86 -6.51 -0.31
CA PHE A 133 2.41 -7.36 0.72
C PHE A 133 2.99 -8.65 0.12
N LEU A 134 3.92 -9.26 0.83
CA LEU A 134 4.54 -10.49 0.39
C LEU A 134 4.30 -11.55 1.44
N PRO A 135 3.59 -12.62 1.08
CA PRO A 135 3.42 -13.72 2.02
C PRO A 135 4.75 -14.45 2.15
N VAL A 136 5.14 -14.72 3.39
CA VAL A 136 6.40 -15.40 3.66
C VAL A 136 6.07 -16.83 4.02
N ILE A 137 6.65 -17.79 3.29
CA ILE A 137 6.37 -19.20 3.51
C ILE A 137 7.66 -19.99 3.84
N SER A 138 7.50 -21.19 4.38
CA SER A 138 8.60 -22.12 4.66
C SER A 138 8.81 -23.02 3.42
N ASP A 139 9.91 -23.82 3.37
CA ASP A 139 10.11 -24.77 2.27
C ASP A 139 8.95 -25.80 2.14
N GLN A 140 8.16 -25.98 3.22
CA GLN A 140 7.01 -26.89 3.26
C GLN A 140 5.67 -26.17 3.02
N ASN A 141 5.70 -24.89 2.58
CA ASN A 141 4.54 -24.03 2.31
C ASN A 141 3.71 -23.72 3.56
N ASP A 142 4.36 -23.51 4.70
CA ASP A 142 3.65 -23.14 5.92
C ASP A 142 3.64 -21.60 5.98
N PHE A 143 2.45 -21.01 6.10
CA PHE A 143 2.29 -19.54 6.14
C PHE A 143 2.93 -18.95 7.38
N ARG A 144 4.05 -18.27 7.19
CA ARG A 144 4.81 -17.68 8.29
C ARG A 144 4.37 -16.27 8.66
N GLY A 145 3.72 -15.58 7.74
CA GLY A 145 3.26 -14.21 7.94
C GLY A 145 3.38 -13.39 6.67
N ILE A 146 3.34 -12.07 6.80
CA ILE A 146 3.46 -11.20 5.63
C ILE A 146 4.45 -10.05 5.89
N ILE A 147 4.97 -9.47 4.82
CA ILE A 147 5.82 -8.29 4.84
C ILE A 147 4.99 -7.27 4.07
N THR A 148 4.63 -6.15 4.69
CA THR A 148 3.80 -5.14 4.00
C THR A 148 4.62 -3.94 3.57
N ARG A 149 4.09 -3.12 2.64
CA ARG A 149 4.74 -1.87 2.25
C ARG A 149 4.91 -0.95 3.48
N LYS A 150 3.91 -0.94 4.37
CA LYS A 150 3.90 -0.16 5.61
C LYS A 150 5.03 -0.59 6.59
N SER A 151 5.20 -1.90 6.80
CA SER A 151 6.23 -2.38 7.72
C SER A 151 7.65 -2.15 7.17
N ILE A 152 7.79 -2.17 5.83
CA ILE A 152 9.06 -1.91 5.18
C ILE A 152 9.38 -0.43 5.32
N LEU A 153 8.38 0.44 5.09
CA LEU A 153 8.56 1.87 5.26
C LEU A 153 8.89 2.28 6.69
N LYS A 154 8.41 1.53 7.70
CA LYS A 154 8.77 1.80 9.10
C LYS A 154 10.27 1.58 9.30
N ALA A 155 10.80 0.47 8.75
CA ALA A 155 12.22 0.12 8.83
C ALA A 155 13.07 1.10 8.02
N ILE A 156 12.59 1.47 6.83
CA ILE A 156 13.24 2.44 5.96
C ILE A 156 13.33 3.80 6.67
N ASN A 157 12.28 4.19 7.39
CA ASN A 157 12.24 5.44 8.14
C ASN A 157 13.34 5.43 9.21
N SER A 158 13.46 4.33 10.00
CA SER A 158 14.51 4.22 11.00
C SER A 158 15.90 4.28 10.36
N LEU A 159 16.04 3.70 9.16
CA LEU A 159 17.29 3.74 8.42
C LEU A 159 17.61 5.19 8.05
N LEU A 160 16.66 5.94 7.49
CA LEU A 160 16.86 7.32 7.09
C LEU A 160 17.22 8.26 8.23
N HIS A 161 16.79 7.92 9.45
CA HIS A 161 17.06 8.77 10.60
C HIS A 161 18.31 8.36 11.40
N ASP A 162 18.46 7.06 11.67
CA ASP A 162 19.53 6.51 12.51
C ASP A 162 20.71 5.85 11.80
N PHE A 163 20.77 5.84 10.46
CA PHE A 163 21.91 5.20 9.77
C PHE A 163 23.24 5.88 10.16
N THR A 164 23.20 7.21 10.28
CA THR A 164 24.37 8.00 10.63
C THR A 164 24.82 7.81 12.09
N ASP A 165 24.13 6.98 12.88
CA ASP A 165 24.54 6.72 14.27
C ASP A 165 25.78 5.80 14.27
N GLU A 166 25.80 4.80 13.40
CA GLU A 166 26.93 3.85 13.28
C GLU A 166 27.77 4.06 12.02
N TYR A 167 27.39 5.02 11.14
CA TYR A 167 28.07 5.21 9.87
C TYR A 167 28.31 6.67 9.54
N THR A 168 29.41 6.98 8.84
CA THR A 168 29.67 8.34 8.41
C THR A 168 29.53 8.39 6.88
N ILE A 169 28.74 9.33 6.39
CA ILE A 169 28.51 9.47 4.96
C ILE A 169 29.22 10.71 4.49
N THR A 170 30.10 10.57 3.51
CA THR A 170 30.81 11.73 2.97
C THR A 170 30.56 11.81 1.47
N PRO A 171 30.33 13.03 0.94
CA PRO A 171 30.10 13.16 -0.48
C PRO A 171 31.33 12.75 -1.29
N LYS A 172 31.10 12.22 -2.49
CA LYS A 172 32.12 11.77 -3.41
C LYS A 172 32.03 12.65 -4.67
N ASN A 173 33.17 13.12 -5.20
CA ASN A 173 33.19 13.94 -6.42
C ASN A 173 33.65 13.09 -7.61
N ASN A 174 32.76 12.89 -8.56
CA ASN A 174 33.08 12.10 -9.76
C ASN A 174 33.60 12.95 -10.93
N ASP A 175 33.41 14.29 -10.87
CA ASP A 175 33.88 15.21 -11.91
C ASP A 175 35.41 15.27 -11.91
N VAL B 15 14.89 27.98 13.03
CA VAL B 15 13.93 26.88 12.86
C VAL B 15 14.31 25.71 13.77
N PRO B 16 13.51 25.44 14.82
CA PRO B 16 13.86 24.36 15.75
C PRO B 16 13.38 22.98 15.35
N ARG B 17 13.92 22.44 14.23
CA ARG B 17 13.55 21.12 13.72
C ARG B 17 13.98 20.00 14.67
N GLY B 18 13.20 18.91 14.69
CA GLY B 18 13.50 17.74 15.51
C GLY B 18 14.38 16.73 14.81
N SER B 19 14.02 15.44 14.91
CA SER B 19 14.79 14.39 14.24
C SER B 19 14.52 14.43 12.74
N GLN B 20 15.55 14.73 11.96
CA GLN B 20 15.41 14.83 10.52
C GLN B 20 16.16 13.69 9.82
N ILE B 21 15.75 13.38 8.59
CA ILE B 21 16.46 12.36 7.82
C ILE B 21 17.82 12.96 7.41
N ALA B 22 18.87 12.14 7.27
CA ALA B 22 20.19 12.62 6.88
C ALA B 22 20.15 13.45 5.61
N LYS B 23 20.76 14.63 5.65
CA LYS B 23 20.78 15.58 4.53
C LYS B 23 21.24 14.95 3.22
N GLU B 24 22.08 13.91 3.30
CA GLU B 24 22.61 13.21 2.16
C GLU B 24 21.53 12.34 1.50
N PHE B 25 20.70 11.69 2.33
CA PHE B 25 19.57 10.89 1.86
C PHE B 25 18.51 11.81 1.27
N GLU B 26 18.20 12.92 1.95
CA GLU B 26 17.20 13.88 1.47
C GLU B 26 17.64 14.53 0.15
N SER B 27 18.93 14.79 0.01
CA SER B 27 19.49 15.36 -1.21
C SER B 27 19.37 14.38 -2.38
N PHE B 28 19.70 13.09 -2.15
CA PHE B 28 19.65 12.06 -3.18
C PHE B 28 18.23 11.82 -3.67
N LEU B 29 17.29 11.67 -2.73
CA LEU B 29 15.90 11.44 -3.06
C LEU B 29 15.26 12.61 -3.79
N LEU B 30 15.65 13.85 -3.46
CA LEU B 30 15.10 15.02 -4.13
C LEU B 30 15.65 15.27 -5.53
N SER B 31 16.93 14.98 -5.73
CA SER B 31 17.60 15.32 -6.98
C SER B 31 17.51 14.29 -8.08
N HIS B 32 17.45 13.00 -7.72
CA HIS B 32 17.44 11.96 -8.74
C HIS B 32 16.03 11.43 -9.02
N LEU B 33 15.35 10.88 -8.00
CA LEU B 33 13.99 10.40 -8.23
C LEU B 33 12.98 11.25 -7.50
N ASP B 34 12.71 12.47 -7.99
CA ASP B 34 11.67 13.31 -7.39
C ASP B 34 10.29 13.09 -8.07
N HIS B 35 10.20 12.07 -8.93
CA HIS B 35 9.01 11.67 -9.69
C HIS B 35 8.01 10.87 -8.82
N TYR B 36 8.30 10.68 -7.51
CA TYR B 36 7.41 10.00 -6.56
C TYR B 36 6.10 10.78 -6.28
N LEU B 37 6.04 12.05 -6.76
CA LEU B 37 4.90 12.96 -6.67
C LEU B 37 4.03 12.68 -7.92
N ILE B 38 3.31 11.55 -7.95
CA ILE B 38 2.48 11.19 -9.11
C ILE B 38 1.52 12.32 -9.50
N PRO B 39 1.68 12.91 -10.70
CA PRO B 39 0.82 14.06 -11.05
C PRO B 39 -0.67 13.77 -11.14
N ALA B 40 -1.50 14.82 -10.99
CA ALA B 40 -2.95 14.71 -11.00
C ALA B 40 -3.52 14.09 -12.29
N GLU B 41 -2.81 14.26 -13.41
CA GLU B 41 -3.25 13.71 -14.69
C GLU B 41 -3.02 12.19 -14.80
N ASP B 42 -2.09 11.63 -14.00
CA ASP B 42 -1.84 10.20 -14.02
C ASP B 42 -2.58 9.44 -12.89
N VAL B 43 -3.37 10.15 -12.06
CA VAL B 43 -4.07 9.52 -10.95
C VAL B 43 -5.57 9.38 -11.21
N ALA B 44 -6.09 8.15 -11.04
CA ALA B 44 -7.51 7.87 -11.20
C ALA B 44 -8.27 8.53 -10.04
N ILE B 45 -9.37 9.22 -10.36
CA ILE B 45 -10.17 9.98 -9.39
C ILE B 45 -11.67 9.79 -9.61
N PHE B 46 -12.47 10.21 -8.62
CA PHE B 46 -13.91 10.26 -8.69
C PHE B 46 -14.33 11.73 -8.40
N VAL B 47 -15.43 12.18 -9.01
CA VAL B 47 -15.94 13.54 -8.74
C VAL B 47 -16.93 13.44 -7.54
N ASP B 48 -16.98 14.45 -6.66
CA ASP B 48 -17.87 14.46 -5.48
C ASP B 48 -19.36 14.29 -5.83
N THR B 49 -19.74 14.55 -7.09
CA THR B 49 -21.11 14.39 -7.58
C THR B 49 -21.42 13.00 -8.13
N HIS B 50 -20.40 12.14 -8.31
CA HIS B 50 -20.58 10.78 -8.83
C HIS B 50 -21.49 9.98 -7.90
N ASN B 51 -22.53 9.36 -8.47
CA ASN B 51 -23.48 8.58 -7.67
C ASN B 51 -22.83 7.35 -7.04
N ALA B 52 -23.06 7.19 -5.72
CA ALA B 52 -22.51 6.19 -4.83
C ALA B 52 -22.51 4.75 -5.35
N ASP B 53 -23.63 4.30 -5.92
CA ASP B 53 -23.74 2.95 -6.43
C ASP B 53 -22.80 2.70 -7.60
N HIS B 54 -22.69 3.65 -8.55
CA HIS B 54 -21.79 3.46 -9.69
C HIS B 54 -20.32 3.51 -9.24
N VAL B 55 -20.01 4.31 -8.21
CA VAL B 55 -18.66 4.37 -7.66
C VAL B 55 -18.33 3.01 -7.03
N MET B 56 -19.27 2.43 -6.28
CA MET B 56 -19.13 1.15 -5.61
C MET B 56 -18.88 0.06 -6.64
N LEU B 57 -19.62 0.10 -7.75
CA LEU B 57 -19.48 -0.86 -8.84
C LEU B 57 -18.11 -0.68 -9.50
N LEU B 58 -17.62 0.56 -9.64
CA LEU B 58 -16.32 0.82 -10.24
C LEU B 58 -15.15 0.36 -9.36
N LEU B 59 -15.24 0.63 -8.05
CA LEU B 59 -14.22 0.24 -7.06
C LEU B 59 -14.11 -1.29 -6.93
N ALA B 60 -15.21 -2.01 -7.12
CA ALA B 60 -15.21 -3.48 -7.08
C ALA B 60 -14.77 -4.10 -8.39
N SER B 61 -14.82 -3.35 -9.50
CA SER B 61 -14.41 -3.84 -10.81
C SER B 61 -12.89 -3.65 -10.94
N ASN B 62 -12.38 -2.45 -10.62
CA ASN B 62 -10.95 -2.21 -10.68
C ASN B 62 -10.30 -2.52 -9.33
N GLY B 63 -9.02 -2.84 -9.36
CA GLY B 63 -8.30 -3.18 -8.13
C GLY B 63 -7.81 -1.97 -7.37
N PHE B 64 -8.74 -1.26 -6.68
CA PHE B 64 -8.36 -0.08 -5.93
C PHE B 64 -8.91 -0.05 -4.49
N SER B 65 -8.00 0.04 -3.50
CA SER B 65 -8.37 0.09 -2.08
C SER B 65 -9.16 1.38 -1.83
N ARG B 66 -8.56 2.56 -2.12
CA ARG B 66 -9.29 3.81 -2.03
C ARG B 66 -8.79 4.80 -3.07
N VAL B 67 -9.68 5.69 -3.52
CA VAL B 67 -9.41 6.62 -4.60
C VAL B 67 -9.71 8.05 -4.19
N PRO B 68 -8.90 9.04 -4.63
CA PRO B 68 -9.18 10.44 -4.25
C PRO B 68 -10.42 10.99 -4.91
N VAL B 69 -11.16 11.78 -4.15
CA VAL B 69 -12.38 12.41 -4.59
C VAL B 69 -12.13 13.91 -4.70
N ILE B 70 -12.27 14.45 -5.91
CA ILE B 70 -12.10 15.86 -6.18
C ILE B 70 -13.40 16.47 -6.67
N THR B 71 -13.54 17.78 -6.55
CA THR B 71 -14.74 18.49 -6.96
C THR B 71 -14.72 18.74 -8.49
N LYS B 72 -15.79 19.34 -9.05
CA LYS B 72 -15.85 19.65 -10.48
C LYS B 72 -14.69 20.56 -10.91
N GLU B 73 -14.25 21.45 -10.00
CA GLU B 73 -13.15 22.40 -10.23
C GLU B 73 -11.77 21.87 -9.85
N LYS B 74 -11.58 20.55 -9.86
CA LYS B 74 -10.30 19.88 -9.54
C LYS B 74 -9.73 20.28 -8.18
N LYS B 75 -10.61 20.40 -7.17
CA LYS B 75 -10.20 20.74 -5.82
C LYS B 75 -10.41 19.52 -4.91
N TYR B 76 -9.42 19.23 -4.07
CA TYR B 76 -9.47 18.06 -3.19
C TYR B 76 -10.66 18.05 -2.19
N VAL B 77 -11.28 16.88 -2.00
CA VAL B 77 -12.44 16.70 -1.12
C VAL B 77 -12.12 15.63 -0.05
N GLY B 78 -11.67 14.46 -0.47
CA GLY B 78 -11.36 13.36 0.43
C GLY B 78 -11.04 12.10 -0.34
N THR B 79 -11.34 10.93 0.24
CA THR B 79 -11.10 9.65 -0.42
C THR B 79 -12.35 8.77 -0.34
N ILE B 80 -12.45 7.76 -1.21
CA ILE B 80 -13.60 6.85 -1.18
C ILE B 80 -13.16 5.41 -1.35
N SER B 81 -13.79 4.52 -0.59
CA SER B 81 -13.54 3.08 -0.65
C SER B 81 -14.90 2.35 -0.55
N ILE B 82 -14.94 1.05 -0.87
CA ILE B 82 -16.18 0.27 -0.75
C ILE B 82 -16.68 0.26 0.70
N SER B 83 -15.75 0.16 1.66
CA SER B 83 -16.05 0.19 3.08
C SER B 83 -16.65 1.50 3.56
N ASP B 84 -16.39 2.63 2.87
CA ASP B 84 -16.97 3.92 3.23
C ASP B 84 -18.45 3.96 2.84
N ILE B 85 -18.77 3.47 1.62
CA ILE B 85 -20.13 3.43 1.07
C ILE B 85 -20.98 2.44 1.83
N MET B 86 -20.43 1.26 2.09
CA MET B 86 -21.14 0.21 2.81
C MET B 86 -21.44 0.60 4.27
N ALA B 87 -20.54 1.35 4.92
CA ALA B 87 -20.76 1.80 6.29
C ALA B 87 -21.88 2.83 6.34
N TYR B 88 -21.98 3.71 5.33
CA TYR B 88 -23.04 4.73 5.23
C TYR B 88 -24.41 4.07 5.01
N GLN B 89 -24.43 2.96 4.24
CA GLN B 89 -25.63 2.19 3.95
C GLN B 89 -26.22 1.57 5.21
N SER B 90 -25.38 1.01 6.11
CA SER B 90 -25.89 0.43 7.35
C SER B 90 -26.20 1.50 8.41
N LYS B 91 -25.47 2.64 8.38
CA LYS B 91 -25.69 3.73 9.32
C LYS B 91 -27.10 4.33 9.22
N GLY B 92 -27.65 4.37 8.02
CA GLY B 92 -28.99 4.89 7.81
C GLY B 92 -29.97 3.87 7.24
N GLN B 93 -29.55 2.57 7.15
CA GLN B 93 -30.26 1.42 6.55
C GLN B 93 -31.02 1.86 5.29
N LEU B 94 -30.28 2.57 4.41
CA LEU B 94 -30.81 3.14 3.19
C LEU B 94 -31.05 2.09 2.14
N THR B 95 -32.16 2.27 1.40
CA THR B 95 -32.56 1.35 0.34
C THR B 95 -31.71 1.58 -0.90
N ASP B 96 -31.69 0.61 -1.83
CA ASP B 96 -30.87 0.71 -3.03
C ASP B 96 -31.28 1.85 -3.95
N TRP B 97 -32.58 2.25 -3.99
CA TRP B 97 -33.00 3.41 -4.78
C TRP B 97 -32.62 4.73 -4.08
N GLU B 98 -32.59 4.74 -2.74
CA GLU B 98 -32.13 5.90 -2.00
C GLU B 98 -30.61 6.05 -2.24
N MET B 99 -29.88 4.92 -2.29
CA MET B 99 -28.45 4.86 -2.56
C MET B 99 -28.10 5.26 -4.00
N ALA B 100 -29.03 5.11 -4.96
CA ALA B 100 -28.74 5.47 -6.35
C ALA B 100 -28.68 6.99 -6.57
N GLN B 101 -29.56 7.71 -5.92
CA GLN B 101 -29.59 9.17 -5.98
C GLN B 101 -28.41 9.80 -5.23
N THR B 102 -27.98 9.14 -4.14
CA THR B 102 -26.91 9.61 -3.27
C THR B 102 -25.58 9.73 -3.99
N ASP B 103 -24.95 10.89 -3.87
CA ASP B 103 -23.61 11.18 -4.38
C ASP B 103 -22.57 10.72 -3.34
N ILE B 104 -21.30 10.54 -3.74
CA ILE B 104 -20.29 10.10 -2.78
C ILE B 104 -19.84 11.18 -1.79
N VAL B 105 -20.23 12.44 -2.01
CA VAL B 105 -19.83 13.56 -1.15
C VAL B 105 -20.34 13.43 0.31
N GLU B 106 -21.38 12.61 0.54
CA GLU B 106 -21.93 12.36 1.89
C GLU B 106 -21.19 11.25 2.62
N MET B 107 -20.51 10.36 1.87
CA MET B 107 -19.76 9.21 2.41
C MET B 107 -18.25 9.37 2.32
N VAL B 108 -17.77 10.53 1.85
CA VAL B 108 -16.35 10.83 1.66
C VAL B 108 -15.57 10.68 2.95
N ASN B 109 -14.36 10.15 2.84
CA ASN B 109 -13.49 9.93 3.98
C ASN B 109 -12.44 11.01 4.04
N THR B 110 -12.49 11.81 5.09
CA THR B 110 -11.55 12.91 5.25
C THR B 110 -10.45 12.62 6.30
N LYS B 111 -10.28 11.34 6.69
CA LYS B 111 -9.28 10.93 7.68
C LYS B 111 -7.84 11.20 7.24
N ILE B 112 -7.54 10.93 5.96
CA ILE B 112 -6.19 11.20 5.44
C ILE B 112 -6.04 12.70 5.22
N GLU B 113 -5.27 13.36 6.08
CA GLU B 113 -5.08 14.80 5.96
C GLU B 113 -4.09 15.07 4.83
N PRO B 114 -4.51 15.84 3.82
CA PRO B 114 -3.63 16.09 2.67
C PRO B 114 -2.39 16.88 3.04
N ILE B 115 -1.28 16.60 2.36
CA ILE B 115 -0.05 17.33 2.61
C ILE B 115 0.08 18.48 1.61
N ASN B 116 0.88 19.48 1.96
CA ASN B 116 1.10 20.62 1.10
C ASN B 116 2.19 20.30 0.05
N GLU B 117 2.26 21.08 -1.03
CA GLU B 117 3.32 20.94 -2.03
C GLU B 117 4.70 21.19 -1.37
N ALA B 118 4.74 22.08 -0.37
CA ALA B 118 5.94 22.47 0.34
C ALA B 118 6.24 21.65 1.59
N ALA B 119 5.81 20.39 1.62
CA ALA B 119 6.07 19.53 2.78
C ALA B 119 7.49 18.98 2.79
N THR B 120 8.06 18.83 4.00
CA THR B 120 9.41 18.29 4.13
C THR B 120 9.40 16.79 3.82
N LEU B 121 10.47 16.31 3.20
CA LEU B 121 10.62 14.89 2.87
C LEU B 121 10.62 14.01 4.14
N THR B 122 11.06 14.58 5.27
CA THR B 122 11.06 13.92 6.57
C THR B 122 9.61 13.65 7.02
N ALA B 123 8.69 14.61 6.74
CA ALA B 123 7.27 14.52 7.09
C ALA B 123 6.56 13.55 6.17
N ILE B 124 6.89 13.57 4.86
CA ILE B 124 6.34 12.65 3.86
C ILE B 124 6.66 11.23 4.26
N MET B 125 7.89 10.98 4.71
CA MET B 125 8.31 9.65 5.13
C MET B 125 7.61 9.16 6.40
N HIS B 126 7.22 10.07 7.30
CA HIS B 126 6.49 9.66 8.50
C HIS B 126 5.02 9.40 8.16
N LYS B 127 4.45 10.25 7.30
CA LYS B 127 3.06 10.13 6.89
C LYS B 127 2.78 8.98 5.91
N ILE B 128 3.74 8.63 5.03
CA ILE B 128 3.53 7.52 4.08
C ILE B 128 3.45 6.16 4.79
N VAL B 129 3.99 6.04 6.01
CA VAL B 129 3.91 4.84 6.82
C VAL B 129 2.45 4.68 7.27
N ASP B 130 1.84 5.77 7.75
CA ASP B 130 0.47 5.78 8.25
C ASP B 130 -0.60 5.60 7.18
N TYR B 131 -0.39 6.14 5.97
CA TYR B 131 -1.43 6.10 4.93
C TYR B 131 -0.91 5.50 3.62
N PRO B 132 -1.74 4.74 2.88
CA PRO B 132 -1.26 4.17 1.60
C PRO B 132 -0.88 5.21 0.57
N PHE B 133 -1.45 6.41 0.65
CA PHE B 133 -1.11 7.51 -0.22
C PHE B 133 -1.38 8.85 0.42
N LEU B 134 -0.69 9.88 -0.05
CA LEU B 134 -0.86 11.22 0.47
C LEU B 134 -1.27 12.13 -0.66
N PRO B 135 -2.47 12.70 -0.57
CA PRO B 135 -2.89 13.66 -1.60
C PRO B 135 -2.07 14.94 -1.39
N VAL B 136 -1.52 15.48 -2.48
CA VAL B 136 -0.73 16.69 -2.42
C VAL B 136 -1.59 17.83 -2.93
N ILE B 137 -1.78 18.87 -2.11
CA ILE B 137 -2.63 20.00 -2.48
C ILE B 137 -1.85 21.33 -2.44
N SER B 138 -2.44 22.39 -3.01
CA SER B 138 -1.84 23.72 -2.97
C SER B 138 -2.41 24.49 -1.73
N ASP B 139 -2.02 25.77 -1.56
CA ASP B 139 -2.57 26.58 -0.47
C ASP B 139 -4.08 26.89 -0.70
N GLN B 140 -4.56 26.81 -1.95
CA GLN B 140 -5.97 27.04 -2.32
C GLN B 140 -6.77 25.72 -2.47
N ASN B 141 -6.22 24.58 -2.01
CA ASN B 141 -6.81 23.24 -2.07
C ASN B 141 -7.00 22.71 -3.50
N ASP B 142 -6.08 23.06 -4.41
CA ASP B 142 -6.12 22.55 -5.78
C ASP B 142 -5.42 21.21 -5.72
N PHE B 143 -6.06 20.15 -6.20
CA PHE B 143 -5.48 18.81 -6.22
C PHE B 143 -4.27 18.76 -7.16
N ARG B 144 -3.08 18.43 -6.62
CA ARG B 144 -1.85 18.38 -7.42
C ARG B 144 -1.42 16.96 -7.84
N GLY B 145 -1.89 15.96 -7.11
CA GLY B 145 -1.58 14.56 -7.34
C GLY B 145 -1.46 13.79 -6.05
N ILE B 146 -0.85 12.60 -6.10
CA ILE B 146 -0.66 11.79 -4.89
C ILE B 146 0.75 11.24 -4.80
N ILE B 147 1.17 10.88 -3.58
CA ILE B 147 2.44 10.22 -3.30
C ILE B 147 2.01 8.89 -2.74
N THR B 148 2.37 7.76 -3.37
CA THR B 148 1.94 6.44 -2.87
C THR B 148 3.07 5.72 -2.16
N ARG B 149 2.76 4.68 -1.37
CA ARG B 149 3.77 3.85 -0.73
C ARG B 149 4.64 3.18 -1.82
N LYS B 150 4.04 2.79 -2.95
CA LYS B 150 4.71 2.18 -4.09
C LYS B 150 5.72 3.13 -4.75
N SER B 151 5.33 4.39 -5.01
CA SER B 151 6.23 5.37 -5.63
C SER B 151 7.38 5.77 -4.70
N ILE B 152 7.14 5.77 -3.39
CA ILE B 152 8.17 6.07 -2.39
C ILE B 152 9.15 4.90 -2.36
N LEU B 153 8.64 3.66 -2.35
CA LEU B 153 9.48 2.47 -2.37
C LEU B 153 10.31 2.37 -3.64
N LYS B 154 9.85 2.89 -4.80
CA LYS B 154 10.64 2.91 -6.03
C LYS B 154 11.85 3.81 -5.81
N ALA B 155 11.65 5.00 -5.22
CA ALA B 155 12.71 5.96 -4.93
C ALA B 155 13.66 5.43 -3.86
N ILE B 156 13.11 4.78 -2.82
CA ILE B 156 13.88 4.17 -1.74
C ILE B 156 14.75 3.05 -2.32
N ASN B 157 14.24 2.28 -3.28
CA ASN B 157 14.98 1.21 -3.94
C ASN B 157 16.18 1.80 -4.67
N SER B 158 15.97 2.87 -5.46
CA SER B 158 17.08 3.53 -6.17
C SER B 158 18.09 4.07 -5.18
N LEU B 159 17.64 4.57 -4.02
CA LEU B 159 18.51 5.07 -2.98
C LEU B 159 19.38 3.92 -2.45
N LEU B 160 18.77 2.78 -2.12
CA LEU B 160 19.50 1.62 -1.59
C LEU B 160 20.52 1.06 -2.54
N HIS B 161 20.31 1.21 -3.86
CA HIS B 161 21.23 0.67 -4.85
C HIS B 161 22.29 1.67 -5.33
N ASP B 162 21.87 2.92 -5.64
CA ASP B 162 22.71 3.96 -6.22
C ASP B 162 23.20 5.07 -5.28
N PHE B 163 22.92 5.01 -3.97
CA PHE B 163 23.41 6.05 -3.05
C PHE B 163 24.95 6.10 -3.06
N THR B 164 25.58 4.93 -3.11
CA THR B 164 27.02 4.82 -3.11
C THR B 164 27.69 5.30 -4.42
N ASP B 165 26.92 5.76 -5.41
CA ASP B 165 27.47 6.29 -6.65
C ASP B 165 28.07 7.68 -6.42
N GLU B 166 27.39 8.52 -5.63
CA GLU B 166 27.87 9.86 -5.28
C GLU B 166 28.35 9.98 -3.83
N TYR B 167 28.28 8.90 -3.03
CA TYR B 167 28.63 8.96 -1.61
C TYR B 167 29.44 7.76 -1.15
N THR B 168 30.37 7.97 -0.21
CA THR B 168 31.16 6.88 0.34
C THR B 168 30.71 6.66 1.77
N ILE B 169 30.38 5.41 2.12
CA ILE B 169 29.93 5.08 3.46
C ILE B 169 31.02 4.34 4.19
N THR B 170 31.44 4.85 5.33
CA THR B 170 32.49 4.23 6.13
C THR B 170 31.98 4.00 7.54
N PRO B 171 32.38 2.88 8.17
CA PRO B 171 31.97 2.64 9.57
C PRO B 171 32.46 3.74 10.51
N LYS B 172 31.66 4.07 11.51
CA LYS B 172 31.96 5.17 12.42
C LYS B 172 32.75 4.80 13.67
#